data_2GMP
#
_entry.id   2GMP
#
_cell.length_a   58.112
_cell.length_b   61.000
_cell.length_c   128.519
_cell.angle_alpha   90.00
_cell.angle_beta   90.00
_cell.angle_gamma   90.00
#
_symmetry.space_group_name_H-M   'P 21 21 21'
#
loop_
_entity.id
_entity.type
_entity.pdbx_description
1 polymer lectin
2 branched 2-acetamido-2-deoxy-beta-D-glucopyranose-(1-2)-alpha-D-mannopyranose
3 non-polymer 'SULFATE ION'
4 water water
#
_entity_poly.entity_id   1
_entity_poly.type   'polypeptide(L)'
_entity_poly.pdbx_seq_one_letter_code
;(PCA)DSLSFGFPTFPSDQKNLIFQGDAQIKNNAVQLTKTDSNGNPVASTVGRILFSAQVHLWEKSSSRVANFQSQFSFS
LKSPLSNGADGIAFFIAPPDTTIPSGSGGGLLGLFAPGTAQNTSANQVIAVEFDTFYAQDSNTWDPNYPHIGIDVNSIRS
VKTVKWDRRDGQSLNVLVTFNPSTRNLDVVATYSDGTRYEVSYEVDVRSVLPEWVRVGFSAASGEQYQTHTLESWSFTST
LLYTAQKKGENLALEM
;
_entity_poly.pdbx_strand_id   A,B
#
loop_
_chem_comp.id
_chem_comp.type
_chem_comp.name
_chem_comp.formula
MAN D-saccharide, alpha linking alpha-D-mannopyranose 'C6 H12 O6'
NAG D-saccharide, beta linking 2-acetamido-2-deoxy-beta-D-glucopyranose 'C8 H15 N O6'
SO4 non-polymer 'SULFATE ION' 'O4 S -2'
#
# COMPACT_ATOMS: atom_id res chain seq x y z
N PCA A 1 0.01 0.07 -9.00
CA PCA A 1 -1.20 -0.80 -9.01
CB PCA A 1 -1.41 -1.30 -7.60
CG PCA A 1 -0.68 -0.35 -6.73
CD PCA A 1 0.40 0.29 -7.57
OE PCA A 1 1.23 1.03 -7.06
C PCA A 1 -2.46 -0.09 -9.49
O PCA A 1 -2.68 1.08 -9.19
N ASP A 2 -3.29 -0.81 -10.23
CA ASP A 2 -4.54 -0.26 -10.71
C ASP A 2 -5.49 -0.07 -9.54
N SER A 3 -5.44 -0.99 -8.58
CA SER A 3 -6.30 -0.89 -7.42
C SER A 3 -5.47 -0.93 -6.14
N LEU A 4 -5.95 -0.22 -5.12
CA LEU A 4 -5.26 -0.15 -3.85
C LEU A 4 -6.27 0.12 -2.75
N SER A 5 -6.08 -0.55 -1.61
CA SER A 5 -6.97 -0.33 -0.47
C SER A 5 -6.18 -0.69 0.78
N PHE A 6 -6.58 -0.08 1.88
CA PHE A 6 -5.96 -0.33 3.16
C PHE A 6 -6.96 0.09 4.19
N GLY A 7 -6.83 -0.44 5.41
CA GLY A 7 -7.78 -0.08 6.44
C GLY A 7 -7.13 0.03 7.80
N PHE A 8 -7.47 1.10 8.51
CA PHE A 8 -6.94 1.30 9.84
C PHE A 8 -8.14 1.35 10.78
N PRO A 9 -8.52 0.22 11.39
CA PRO A 9 -9.65 0.24 12.31
C PRO A 9 -9.24 1.14 13.48
N THR A 10 -7.94 1.18 13.72
CA THR A 10 -7.37 2.03 14.77
C THR A 10 -5.97 2.40 14.29
N PHE A 11 -5.29 3.21 15.08
CA PHE A 11 -3.95 3.65 14.74
C PHE A 11 -2.96 3.39 15.87
N PRO A 12 -2.51 2.13 16.02
CA PRO A 12 -1.55 1.79 17.08
C PRO A 12 -0.26 2.59 16.86
N SER A 13 0.51 2.81 17.91
CA SER A 13 1.74 3.60 17.78
C SER A 13 2.83 3.03 16.87
N ASP A 14 2.74 1.75 16.51
CA ASP A 14 3.77 1.19 15.63
C ASP A 14 3.45 1.29 14.14
N GLN A 15 3.08 2.49 13.69
CA GLN A 15 2.77 2.71 12.27
C GLN A 15 4.01 2.64 11.39
N LYS A 16 3.86 2.07 10.19
CA LYS A 16 4.97 1.95 9.25
C LYS A 16 4.65 2.67 7.95
N ASN A 17 3.38 2.74 7.58
CA ASN A 17 3.01 3.38 6.31
C ASN A 17 2.31 4.73 6.40
N LEU A 18 2.60 5.48 7.45
CA LEU A 18 2.03 6.81 7.58
C LEU A 18 3.17 7.82 7.52
N ILE A 19 3.04 8.80 6.63
CA ILE A 19 4.04 9.84 6.51
C ILE A 19 3.56 10.93 7.44
N PHE A 20 4.23 11.03 8.60
CA PHE A 20 3.88 12.03 9.60
C PHE A 20 4.51 13.37 9.26
N GLN A 21 3.67 14.41 9.22
CA GLN A 21 4.14 15.74 8.92
C GLN A 21 3.70 16.71 10.00
N GLY A 22 4.54 17.71 10.27
CA GLY A 22 4.20 18.68 11.29
C GLY A 22 4.13 18.01 12.65
N ASP A 23 3.10 18.32 13.43
CA ASP A 23 2.97 17.76 14.76
C ASP A 23 2.14 16.49 14.89
N ALA A 24 1.69 15.94 13.76
CA ALA A 24 0.89 14.72 13.79
C ALA A 24 1.64 13.54 14.39
N GLN A 25 0.95 12.80 15.26
CA GLN A 25 1.53 11.63 15.88
C GLN A 25 0.45 10.77 16.52
N ILE A 26 0.80 9.52 16.81
CA ILE A 26 -0.13 8.58 17.41
C ILE A 26 -0.24 8.69 18.92
N LYS A 27 -1.47 8.68 19.41
CA LYS A 27 -1.76 8.75 20.85
C LYS A 27 -3.09 8.07 21.11
N ASN A 28 -3.09 7.09 22.01
CA ASN A 28 -4.31 6.37 22.35
C ASN A 28 -4.85 5.63 21.13
N ASN A 29 -3.93 5.05 20.36
CA ASN A 29 -4.27 4.30 19.16
C ASN A 29 -5.03 5.12 18.15
N ALA A 30 -4.77 6.42 18.16
CA ALA A 30 -5.41 7.33 17.23
C ALA A 30 -4.37 8.30 16.72
N VAL A 31 -4.66 8.96 15.61
CA VAL A 31 -3.75 9.93 15.06
C VAL A 31 -4.15 11.28 15.60
N GLN A 32 -3.27 11.90 16.38
CA GLN A 32 -3.56 13.23 16.89
C GLN A 32 -2.87 14.10 15.85
N LEU A 33 -3.64 14.59 14.90
CA LEU A 33 -3.10 15.45 13.86
C LEU A 33 -2.45 16.66 14.47
N THR A 34 -3.11 17.23 15.47
CA THR A 34 -2.60 18.41 16.17
C THR A 34 -2.02 18.07 17.53
N LYS A 35 -1.08 18.89 17.96
CA LYS A 35 -0.39 18.69 19.23
C LYS A 35 -1.26 18.73 20.49
N THR A 36 -0.93 17.85 21.43
CA THR A 36 -1.62 17.77 22.71
C THR A 36 -0.51 17.71 23.78
N ASP A 37 -0.76 18.29 24.96
CA ASP A 37 0.24 18.29 26.02
C ASP A 37 0.36 16.91 26.67
N SER A 38 1.08 16.85 27.79
CA SER A 38 1.29 15.60 28.51
C SER A 38 -0.01 15.11 29.16
N ASN A 39 -1.07 15.89 29.03
CA ASN A 39 -2.36 15.51 29.60
C ASN A 39 -3.37 15.23 28.50
N GLY A 40 -2.91 15.34 27.26
CA GLY A 40 -3.78 15.08 26.14
C GLY A 40 -4.68 16.25 25.80
N ASN A 41 -4.35 17.43 26.32
CA ASN A 41 -5.15 18.62 26.04
C ASN A 41 -4.64 19.28 24.78
N PRO A 42 -5.56 19.75 23.92
CA PRO A 42 -5.12 20.42 22.70
C PRO A 42 -4.37 21.71 23.03
N VAL A 43 -3.36 22.04 22.23
CA VAL A 43 -2.59 23.26 22.47
C VAL A 43 -2.68 24.18 21.27
N ALA A 44 -2.31 25.44 21.46
CA ALA A 44 -2.38 26.41 20.38
C ALA A 44 -1.22 26.26 19.39
N SER A 45 -1.32 27.01 18.28
CA SER A 45 -0.31 27.03 17.22
C SER A 45 0.23 25.67 16.83
N THR A 46 -0.62 24.86 16.20
CA THR A 46 -0.21 23.53 15.78
C THR A 46 -0.82 23.10 14.44
N VAL A 47 -0.02 22.39 13.66
CA VAL A 47 -0.44 21.88 12.36
C VAL A 47 0.07 20.45 12.29
N GLY A 48 -0.64 19.59 11.58
CA GLY A 48 -0.22 18.20 11.46
C GLY A 48 -0.98 17.53 10.33
N ARG A 49 -0.30 16.65 9.61
CA ARG A 49 -0.93 15.95 8.51
C ARG A 49 -0.33 14.57 8.43
N ILE A 50 -1.06 13.63 7.82
CA ILE A 50 -0.53 12.31 7.60
C ILE A 50 -0.82 11.96 6.15
N LEU A 51 -0.03 11.07 5.61
CA LEU A 51 -0.22 10.64 4.24
C LEU A 51 0.08 9.17 4.21
N PHE A 52 -0.74 8.40 3.50
CA PHE A 52 -0.45 6.97 3.41
C PHE A 52 0.77 6.93 2.48
N SER A 53 1.75 6.09 2.81
CA SER A 53 2.96 6.01 1.99
C SER A 53 2.73 5.57 0.54
N ALA A 54 1.87 4.58 0.34
CA ALA A 54 1.62 4.10 -1.02
C ALA A 54 0.86 5.15 -1.80
N GLN A 55 1.37 5.46 -2.98
CA GLN A 55 0.73 6.44 -3.83
C GLN A 55 -0.48 5.82 -4.51
N VAL A 56 -1.48 6.66 -4.77
CA VAL A 56 -2.70 6.21 -5.40
C VAL A 56 -2.72 6.61 -6.88
N HIS A 57 -3.06 5.67 -7.75
CA HIS A 57 -3.11 5.96 -9.17
C HIS A 57 -4.54 6.45 -9.42
N LEU A 58 -4.74 7.74 -9.16
CA LEU A 58 -6.03 8.39 -9.29
C LEU A 58 -6.57 8.34 -10.71
N TRP A 59 -5.69 8.48 -11.70
CA TRP A 59 -6.13 8.40 -13.09
C TRP A 59 -4.96 8.12 -14.03
N GLU A 60 -5.25 7.64 -15.23
CA GLU A 60 -4.20 7.31 -16.18
C GLU A 60 -4.55 7.82 -17.56
N LYS A 61 -3.71 8.70 -18.11
CA LYS A 61 -3.98 9.26 -19.43
C LYS A 61 -3.93 8.18 -20.50
N SER A 62 -2.79 7.51 -20.60
CA SER A 62 -2.60 6.46 -21.59
C SER A 62 -3.84 5.57 -21.79
N SER A 63 -4.37 5.03 -20.69
CA SER A 63 -5.53 4.16 -20.78
C SER A 63 -6.87 4.88 -20.70
N SER A 64 -6.85 6.19 -20.58
CA SER A 64 -8.09 6.96 -20.50
C SER A 64 -8.94 6.50 -19.32
N ARG A 65 -8.29 6.11 -18.23
CA ARG A 65 -9.01 5.66 -17.05
C ARG A 65 -8.87 6.59 -15.84
N VAL A 66 -9.93 6.63 -15.05
CA VAL A 66 -9.96 7.44 -13.83
C VAL A 66 -10.36 6.50 -12.72
N ALA A 67 -9.90 6.77 -11.51
CA ALA A 67 -10.21 5.92 -10.39
C ALA A 67 -11.53 6.20 -9.70
N ASN A 68 -12.13 5.12 -9.20
CA ASN A 68 -13.35 5.19 -8.43
C ASN A 68 -12.73 4.94 -7.06
N PHE A 69 -12.84 5.89 -6.15
CA PHE A 69 -12.24 5.68 -4.84
C PHE A 69 -13.19 6.04 -3.72
N GLN A 70 -12.96 5.44 -2.56
CA GLN A 70 -13.75 5.69 -1.39
C GLN A 70 -12.84 5.89 -0.19
N SER A 71 -13.23 6.81 0.67
CA SER A 71 -12.45 7.10 1.85
C SER A 71 -13.40 7.22 3.03
N GLN A 72 -13.31 6.26 3.94
CA GLN A 72 -14.15 6.27 5.12
C GLN A 72 -13.27 6.58 6.31
N PHE A 73 -13.78 7.38 7.24
CA PHE A 73 -12.98 7.72 8.40
C PHE A 73 -13.83 8.34 9.50
N SER A 74 -13.34 8.25 10.73
CA SER A 74 -14.03 8.83 11.85
C SER A 74 -13.05 9.71 12.60
N PHE A 75 -13.55 10.83 13.12
CA PHE A 75 -12.72 11.70 13.90
C PHE A 75 -13.58 12.35 14.95
N SER A 76 -12.93 12.99 15.91
CA SER A 76 -13.64 13.69 16.98
C SER A 76 -12.79 14.91 17.34
N LEU A 77 -13.46 15.98 17.74
CA LEU A 77 -12.76 17.19 18.12
C LEU A 77 -13.13 17.53 19.55
N LYS A 78 -12.11 17.77 20.38
CA LYS A 78 -12.31 18.13 21.77
C LYS A 78 -11.51 19.37 22.09
N SER A 79 -12.09 20.22 22.92
CA SER A 79 -11.44 21.45 23.32
C SER A 79 -12.06 21.95 24.60
N PRO A 80 -11.23 22.56 25.47
CA PRO A 80 -11.69 23.11 26.75
C PRO A 80 -12.43 24.41 26.47
N LEU A 81 -12.20 24.95 25.27
CA LEU A 81 -12.81 26.19 24.80
C LEU A 81 -14.16 25.87 24.21
N SER A 82 -15.03 26.87 24.12
CA SER A 82 -16.34 26.64 23.53
C SER A 82 -16.21 26.96 22.05
N ASN A 83 -15.01 27.36 21.63
CA ASN A 83 -14.76 27.71 20.23
C ASN A 83 -13.49 27.09 19.66
N GLY A 84 -13.31 25.78 19.85
CA GLY A 84 -12.14 25.13 19.32
C GLY A 84 -12.01 25.33 17.83
N ALA A 85 -10.77 25.42 17.33
CA ALA A 85 -10.50 25.63 15.91
C ALA A 85 -9.28 24.79 15.52
N ASP A 86 -8.99 24.68 14.23
CA ASP A 86 -9.74 25.32 13.15
C ASP A 86 -10.49 24.29 12.31
N GLY A 87 -9.96 23.06 12.29
CA GLY A 87 -10.59 22.00 11.53
C GLY A 87 -9.66 20.89 11.09
N ILE A 88 -10.25 19.84 10.52
CA ILE A 88 -9.51 18.69 10.02
C ILE A 88 -9.97 18.47 8.60
N ALA A 89 -9.06 18.00 7.74
CA ALA A 89 -9.42 17.77 6.35
C ALA A 89 -8.85 16.50 5.76
N PHE A 90 -9.65 15.86 4.92
CA PHE A 90 -9.19 14.68 4.19
C PHE A 90 -8.74 15.32 2.89
N PHE A 91 -7.58 14.94 2.39
CA PHE A 91 -7.14 15.55 1.16
C PHE A 91 -6.37 14.62 0.25
N ILE A 92 -6.35 15.00 -1.02
CA ILE A 92 -5.67 14.25 -2.06
C ILE A 92 -4.75 15.25 -2.71
N ALA A 93 -3.48 14.91 -2.83
CA ALA A 93 -2.54 15.85 -3.41
C ALA A 93 -1.33 15.15 -3.99
N PRO A 94 -0.49 15.90 -4.72
CA PRO A 94 0.71 15.31 -5.30
C PRO A 94 1.49 14.58 -4.20
N PRO A 95 2.16 13.46 -4.54
CA PRO A 95 2.93 12.66 -3.59
C PRO A 95 3.97 13.37 -2.72
N ASP A 96 4.66 14.35 -3.28
CA ASP A 96 5.68 15.07 -2.51
C ASP A 96 5.12 16.21 -1.68
N THR A 97 3.80 16.35 -1.66
CA THR A 97 3.16 17.41 -0.90
C THR A 97 3.70 17.49 0.53
N THR A 98 3.90 18.71 1.00
CA THR A 98 4.37 18.97 2.36
C THR A 98 3.56 20.12 2.89
N ILE A 99 3.58 20.32 4.20
CA ILE A 99 2.83 21.41 4.80
C ILE A 99 3.38 22.72 4.26
N PRO A 100 2.54 23.54 3.61
CA PRO A 100 3.00 24.81 3.07
C PRO A 100 3.45 25.72 4.21
N SER A 101 4.44 26.56 3.95
CA SER A 101 4.93 27.47 4.96
C SER A 101 3.80 28.40 5.39
N GLY A 102 3.62 28.55 6.70
CA GLY A 102 2.58 29.42 7.22
C GLY A 102 1.16 28.95 6.95
N SER A 103 0.94 27.64 6.89
CA SER A 103 -0.39 27.11 6.61
C SER A 103 -1.23 26.84 7.86
N GLY A 104 -0.79 27.38 9.00
CA GLY A 104 -1.51 27.17 10.23
C GLY A 104 -2.88 27.82 10.28
N GLY A 105 -3.53 27.73 11.43
CA GLY A 105 -4.85 28.32 11.60
C GLY A 105 -5.90 27.77 10.67
N GLY A 106 -6.73 28.65 10.13
CA GLY A 106 -7.79 28.24 9.22
C GLY A 106 -7.28 27.71 7.90
N LEU A 107 -5.96 27.72 7.71
CA LEU A 107 -5.36 27.22 6.48
C LEU A 107 -5.17 25.72 6.58
N LEU A 108 -5.55 25.20 7.74
CA LEU A 108 -5.50 23.77 8.03
C LEU A 108 -4.21 23.03 7.67
N GLY A 109 -3.17 23.76 7.31
CA GLY A 109 -1.93 23.11 6.95
C GLY A 109 -2.00 22.60 5.52
N LEU A 110 -3.02 23.05 4.80
CA LEU A 110 -3.22 22.66 3.41
C LEU A 110 -2.94 23.79 2.44
N PHE A 111 -3.25 25.01 2.85
CA PHE A 111 -3.07 26.12 1.95
C PHE A 111 -2.09 27.18 2.41
N ALA A 112 -1.30 27.66 1.47
CA ALA A 112 -0.31 28.70 1.73
C ALA A 112 -1.07 30.02 1.70
N PRO A 113 -0.62 31.00 2.48
CA PRO A 113 -1.25 32.33 2.53
C PRO A 113 -1.23 33.03 1.17
CA ASN A 122 -1.14 24.11 -5.66
C ASN A 122 -2.25 23.16 -6.13
N GLN A 123 -1.93 21.87 -6.21
CA GLN A 123 -2.89 20.87 -6.64
C GLN A 123 -3.42 20.05 -5.48
N VAL A 124 -4.74 19.99 -5.35
CA VAL A 124 -5.34 19.25 -4.25
C VAL A 124 -6.86 19.18 -4.33
N ILE A 125 -7.41 18.18 -3.64
CA ILE A 125 -8.83 18.00 -3.52
C ILE A 125 -9.01 17.68 -2.07
N ALA A 126 -9.71 18.56 -1.35
CA ALA A 126 -9.90 18.36 0.06
C ALA A 126 -11.35 18.50 0.51
N VAL A 127 -11.69 17.74 1.55
CA VAL A 127 -13.01 17.80 2.16
C VAL A 127 -12.65 18.20 3.59
N GLU A 128 -12.92 19.45 3.93
CA GLU A 128 -12.57 19.96 5.24
C GLU A 128 -13.76 20.17 6.16
N PHE A 129 -13.54 19.91 7.43
CA PHE A 129 -14.56 20.08 8.44
C PHE A 129 -14.05 21.22 9.31
N ASP A 130 -14.57 22.41 9.06
CA ASP A 130 -14.14 23.60 9.79
C ASP A 130 -15.06 23.92 10.94
N THR A 131 -14.46 24.34 12.05
CA THR A 131 -15.21 24.65 13.24
C THR A 131 -15.16 26.13 13.60
N PHE A 132 -13.98 26.72 13.53
CA PHE A 132 -13.79 28.13 13.88
C PHE A 132 -13.90 29.14 12.74
N TYR A 133 -14.95 29.95 12.78
CA TYR A 133 -15.19 30.97 11.75
C TYR A 133 -13.96 31.85 11.56
N SER A 137 -14.45 35.85 4.10
CA SER A 137 -14.61 34.41 3.89
C SER A 137 -16.08 34.00 3.90
N ASN A 138 -16.68 34.02 2.70
CA ASN A 138 -18.09 33.69 2.52
C ASN A 138 -18.38 32.74 1.35
N THR A 139 -18.69 31.51 1.70
CA THR A 139 -19.04 30.45 0.76
C THR A 139 -19.85 29.50 1.62
N TRP A 140 -20.04 29.95 2.87
CA TRP A 140 -20.79 29.22 3.91
C TRP A 140 -21.26 30.27 4.92
N ASP A 141 -21.99 29.81 5.94
CA ASP A 141 -22.49 30.71 7.00
C ASP A 141 -21.43 30.81 8.08
N PRO A 142 -20.72 31.95 8.18
CA PRO A 142 -19.66 32.19 9.16
C PRO A 142 -20.06 31.95 10.62
N ASN A 143 -21.35 31.99 10.89
CA ASN A 143 -21.88 31.78 12.23
C ASN A 143 -21.65 30.35 12.73
N TYR A 144 -22.02 29.37 11.90
CA TYR A 144 -21.89 27.96 12.26
C TYR A 144 -20.75 27.30 11.47
N PRO A 145 -20.17 26.23 12.01
CA PRO A 145 -19.07 25.52 11.32
C PRO A 145 -19.55 24.94 9.99
N HIS A 146 -18.65 24.42 9.17
CA HIS A 146 -19.09 23.87 7.89
C HIS A 146 -18.16 22.85 7.25
N ILE A 147 -18.77 22.02 6.40
CA ILE A 147 -18.03 21.03 5.66
C ILE A 147 -17.83 21.65 4.28
N GLY A 148 -16.59 21.68 3.83
CA GLY A 148 -16.31 22.28 2.54
C GLY A 148 -15.38 21.43 1.69
N ILE A 149 -15.66 21.44 0.40
CA ILE A 149 -14.87 20.71 -0.57
C ILE A 149 -13.95 21.71 -1.23
N ASP A 150 -12.68 21.35 -1.39
CA ASP A 150 -11.74 22.25 -2.01
C ASP A 150 -11.13 21.62 -3.24
N VAL A 151 -11.01 22.39 -4.30
CA VAL A 151 -10.41 21.92 -5.53
C VAL A 151 -9.33 22.94 -5.83
N ASN A 152 -8.08 22.47 -6.05
CA ASN A 152 -6.99 23.40 -6.27
C ASN A 152 -6.99 24.55 -5.27
N SER A 153 -6.77 25.74 -5.72
CA SER A 153 -6.75 26.91 -4.85
C SER A 153 -8.13 27.47 -4.51
N ILE A 154 -9.19 26.79 -4.94
CA ILE A 154 -10.53 27.26 -4.64
C ILE A 154 -11.10 26.54 -3.43
N ARG A 155 -11.05 27.18 -2.27
CA ARG A 155 -11.59 26.56 -1.07
C ARG A 155 -13.11 26.70 -1.01
N SER A 156 -13.76 25.69 -0.44
CA SER A 156 -15.20 25.72 -0.32
C SER A 156 -15.93 26.00 -1.64
N VAL A 157 -15.60 25.25 -2.69
CA VAL A 157 -16.29 25.46 -3.96
C VAL A 157 -17.74 25.07 -3.75
N LYS A 158 -17.97 24.29 -2.70
CA LYS A 158 -19.29 23.81 -2.33
C LYS A 158 -19.21 23.48 -0.84
N THR A 159 -20.26 23.78 -0.08
CA THR A 159 -20.24 23.50 1.35
C THR A 159 -21.61 23.16 1.92
N VAL A 160 -21.65 22.81 3.19
CA VAL A 160 -22.89 22.48 3.85
C VAL A 160 -22.73 22.77 5.33
N LYS A 161 -23.77 23.34 5.94
CA LYS A 161 -23.73 23.65 7.36
C LYS A 161 -23.41 22.37 8.12
N TRP A 162 -22.58 22.49 9.14
CA TRP A 162 -22.19 21.34 9.95
C TRP A 162 -22.22 21.69 11.43
N ASP A 163 -22.35 20.69 12.30
CA ASP A 163 -22.40 20.92 13.74
C ASP A 163 -21.24 20.24 14.46
N ARG A 164 -20.40 21.05 15.09
CA ARG A 164 -19.28 20.51 15.84
C ARG A 164 -19.87 19.93 17.12
N ARG A 165 -19.39 18.76 17.51
CA ARG A 165 -19.84 18.12 18.74
C ARG A 165 -18.63 17.61 19.50
N ASP A 166 -18.15 18.45 20.42
CA ASP A 166 -16.99 18.14 21.24
C ASP A 166 -16.98 16.71 21.74
N GLY A 167 -15.88 15.99 21.50
CA GLY A 167 -15.77 14.62 21.95
C GLY A 167 -16.57 13.57 21.21
N GLN A 168 -17.44 13.99 20.29
CA GLN A 168 -18.23 13.04 19.52
C GLN A 168 -17.60 12.70 18.18
N SER A 169 -17.57 11.41 17.87
CA SER A 169 -17.00 10.95 16.62
C SER A 169 -17.92 11.21 15.44
N LEU A 170 -17.33 11.53 14.30
CA LEU A 170 -18.12 11.77 13.10
C LEU A 170 -17.60 10.77 12.07
N ASN A 171 -18.47 9.85 11.66
CA ASN A 171 -18.06 8.87 10.65
C ASN A 171 -18.30 9.54 9.32
N VAL A 172 -17.28 9.53 8.46
CA VAL A 172 -17.37 10.16 7.16
C VAL A 172 -17.07 9.21 6.00
N LEU A 173 -17.85 9.32 4.94
CA LEU A 173 -17.64 8.50 3.74
C LEU A 173 -17.47 9.45 2.56
N VAL A 174 -16.28 9.48 1.99
CA VAL A 174 -16.02 10.33 0.83
C VAL A 174 -15.87 9.41 -0.35
N THR A 175 -16.74 9.55 -1.33
CA THR A 175 -16.66 8.69 -2.50
C THR A 175 -16.52 9.51 -3.78
N PHE A 176 -15.92 8.90 -4.79
CA PHE A 176 -15.77 9.55 -6.07
C PHE A 176 -16.12 8.55 -7.15
N ASN A 177 -17.06 8.93 -8.01
CA ASN A 177 -17.51 8.10 -9.10
C ASN A 177 -16.98 8.77 -10.36
N PRO A 178 -16.03 8.14 -11.06
CA PRO A 178 -15.46 8.71 -12.29
C PRO A 178 -16.42 8.84 -13.47
N SER A 179 -17.50 8.05 -13.48
CA SER A 179 -18.46 8.14 -14.59
C SER A 179 -19.40 9.34 -14.45
N THR A 180 -19.50 9.90 -13.25
CA THR A 180 -20.32 11.08 -13.04
C THR A 180 -19.42 12.18 -12.52
N ARG A 181 -18.20 11.80 -12.13
CA ARG A 181 -17.22 12.71 -11.58
C ARG A 181 -17.80 13.40 -10.36
N ASN A 182 -18.67 12.68 -9.67
CA ASN A 182 -19.32 13.21 -8.50
C ASN A 182 -18.56 12.82 -7.23
N LEU A 183 -18.01 13.83 -6.55
CA LEU A 183 -17.28 13.60 -5.30
C LEU A 183 -18.30 13.76 -4.18
N ASP A 184 -18.74 12.65 -3.60
CA ASP A 184 -19.74 12.72 -2.54
C ASP A 184 -19.14 12.62 -1.13
N VAL A 185 -19.77 13.31 -0.20
CA VAL A 185 -19.34 13.30 1.19
C VAL A 185 -20.56 13.14 2.08
N VAL A 186 -20.51 12.14 2.95
CA VAL A 186 -21.62 11.89 3.86
C VAL A 186 -21.03 11.72 5.23
N ALA A 187 -21.44 12.57 6.16
CA ALA A 187 -20.93 12.51 7.51
C ALA A 187 -22.09 12.32 8.47
N THR A 188 -21.89 11.50 9.49
CA THR A 188 -22.94 11.26 10.46
C THR A 188 -22.39 11.13 11.87
N TYR A 189 -23.26 11.40 12.84
CA TYR A 189 -22.93 11.26 14.23
C TYR A 189 -23.63 9.99 14.67
N SER A 190 -23.27 9.47 15.84
CA SER A 190 -23.86 8.23 16.35
C SER A 190 -25.37 8.23 16.51
N ASP A 191 -25.97 9.41 16.65
CA ASP A 191 -27.40 9.53 16.83
C ASP A 191 -28.14 9.57 15.50
N GLY A 192 -27.39 9.54 14.40
CA GLY A 192 -27.99 9.56 13.09
C GLY A 192 -27.89 10.88 12.33
N THR A 193 -27.62 11.98 13.05
CA THR A 193 -27.50 13.29 12.41
C THR A 193 -26.57 13.18 11.21
N ARG A 194 -27.09 13.55 10.06
CA ARG A 194 -26.36 13.43 8.81
C ARG A 194 -26.04 14.75 8.12
N TYR A 195 -24.91 14.78 7.42
CA TYR A 195 -24.52 15.96 6.67
C TYR A 195 -23.96 15.47 5.35
N GLU A 196 -24.41 16.04 4.26
CA GLU A 196 -23.91 15.59 2.98
C GLU A 196 -23.68 16.73 2.02
N VAL A 197 -22.63 16.59 1.23
CA VAL A 197 -22.28 17.58 0.24
C VAL A 197 -21.53 16.86 -0.87
N SER A 198 -21.91 17.15 -2.10
CA SER A 198 -21.27 16.52 -3.25
C SER A 198 -21.02 17.59 -4.29
N TYR A 199 -20.10 17.32 -5.21
CA TYR A 199 -19.76 18.30 -6.22
C TYR A 199 -19.07 17.59 -7.38
N GLU A 200 -19.30 18.10 -8.58
CA GLU A 200 -18.70 17.50 -9.76
C GLU A 200 -17.25 17.96 -9.90
N VAL A 201 -16.34 17.00 -10.10
CA VAL A 201 -14.94 17.33 -10.26
C VAL A 201 -14.17 16.31 -11.08
N ASP A 202 -13.62 16.77 -12.19
CA ASP A 202 -12.81 15.94 -13.06
C ASP A 202 -11.43 15.94 -12.41
N VAL A 203 -11.13 14.88 -11.69
CA VAL A 203 -9.86 14.79 -11.00
C VAL A 203 -8.67 15.00 -11.93
N ARG A 204 -8.84 14.67 -13.21
CA ARG A 204 -7.75 14.81 -14.17
C ARG A 204 -7.33 16.25 -14.38
N SER A 205 -8.27 17.17 -14.19
CA SER A 205 -7.97 18.57 -14.40
C SER A 205 -7.44 19.31 -13.18
N VAL A 206 -7.28 18.61 -12.06
CA VAL A 206 -6.80 19.28 -10.85
C VAL A 206 -5.72 18.52 -10.09
N LEU A 207 -5.52 17.24 -10.42
CA LEU A 207 -4.51 16.42 -9.76
C LEU A 207 -3.71 15.58 -10.75
N PRO A 208 -2.43 15.32 -10.44
CA PRO A 208 -1.63 14.52 -11.36
C PRO A 208 -2.17 13.09 -11.32
N GLU A 209 -1.64 12.22 -12.18
CA GLU A 209 -2.09 10.83 -12.20
C GLU A 209 -1.86 10.10 -10.88
N TRP A 210 -0.67 10.26 -10.34
CA TRP A 210 -0.35 9.63 -9.08
C TRP A 210 -0.44 10.66 -7.99
N VAL A 211 -1.06 10.27 -6.89
CA VAL A 211 -1.26 11.17 -5.78
C VAL A 211 -1.12 10.43 -4.49
N ARG A 212 -1.22 11.18 -3.40
CA ARG A 212 -1.18 10.61 -2.06
C ARG A 212 -2.38 11.17 -1.33
N VAL A 213 -2.96 10.35 -0.45
CA VAL A 213 -4.11 10.78 0.31
C VAL A 213 -3.75 10.78 1.79
N GLY A 214 -4.44 11.63 2.54
CA GLY A 214 -4.19 11.71 3.96
C GLY A 214 -5.06 12.75 4.61
N PHE A 215 -4.70 13.15 5.82
CA PHE A 215 -5.46 14.15 6.55
C PHE A 215 -4.55 15.27 7.06
N SER A 216 -5.15 16.42 7.27
CA SER A 216 -4.43 17.58 7.75
C SER A 216 -5.34 18.32 8.72
N ALA A 217 -4.74 19.02 9.68
CA ALA A 217 -5.52 19.77 10.65
C ALA A 217 -4.62 20.81 11.30
N ALA A 218 -5.24 21.85 11.85
CA ALA A 218 -4.48 22.90 12.51
C ALA A 218 -5.30 23.69 13.50
N SER A 219 -4.60 24.40 14.37
CA SER A 219 -5.20 25.26 15.39
C SER A 219 -4.25 26.44 15.57
N GLY A 220 -4.80 27.64 15.47
CA GLY A 220 -4.01 28.84 15.68
C GLY A 220 -4.19 29.19 17.14
N GLU A 221 -4.75 30.37 17.42
CA GLU A 221 -5.00 30.80 18.80
C GLU A 221 -6.10 29.96 19.48
N GLN A 222 -7.11 29.54 18.73
CA GLN A 222 -8.17 28.68 19.25
C GLN A 222 -7.76 27.26 18.94
N TYR A 223 -8.01 26.34 19.86
CA TYR A 223 -7.57 24.97 19.65
C TYR A 223 -8.56 23.88 20.03
N GLN A 224 -8.20 22.67 19.64
CA GLN A 224 -8.98 21.47 19.89
C GLN A 224 -8.16 20.33 19.32
N THR A 225 -8.40 19.12 19.81
CA THR A 225 -7.69 17.97 19.29
C THR A 225 -8.36 17.61 17.97
N HIS A 226 -7.57 17.07 17.04
CA HIS A 226 -8.09 16.62 15.76
C HIS A 226 -7.70 15.16 15.71
N THR A 227 -8.53 14.34 16.33
CA THR A 227 -8.28 12.92 16.44
C THR A 227 -8.88 12.05 15.35
N LEU A 228 -8.01 11.51 14.51
CA LEU A 228 -8.41 10.62 13.44
C LEU A 228 -8.45 9.25 14.08
N GLU A 229 -9.65 8.75 14.34
CA GLU A 229 -9.85 7.49 15.00
C GLU A 229 -9.65 6.25 14.13
N SER A 230 -10.15 6.31 12.91
CA SER A 230 -10.02 5.18 12.00
C SER A 230 -10.03 5.73 10.60
N TRP A 231 -9.62 4.89 9.65
CA TRP A 231 -9.59 5.29 8.25
C TRP A 231 -9.39 4.09 7.34
N SER A 232 -10.22 4.00 6.32
CA SER A 232 -10.13 2.92 5.35
C SER A 232 -10.21 3.59 3.98
N PHE A 233 -9.51 3.04 3.00
CA PHE A 233 -9.51 3.61 1.69
C PHE A 233 -9.45 2.56 0.58
N THR A 234 -10.06 2.85 -0.56
CA THR A 234 -10.05 1.94 -1.70
C THR A 234 -10.10 2.74 -2.98
N SER A 235 -9.27 2.36 -3.94
CA SER A 235 -9.25 3.02 -5.23
C SER A 235 -8.98 1.97 -6.28
N THR A 236 -9.64 2.10 -7.42
CA THR A 236 -9.45 1.17 -8.53
C THR A 236 -9.66 1.95 -9.81
N LEU A 237 -8.72 1.83 -10.74
CA LEU A 237 -8.84 2.51 -12.04
C LEU A 237 -9.90 1.82 -12.89
N LEU A 238 -10.80 2.62 -13.45
CA LEU A 238 -11.87 2.10 -14.31
C LEU A 238 -11.88 2.82 -15.65
N TYR A 239 -12.20 2.07 -16.70
CA TYR A 239 -12.26 2.63 -18.06
C TYR A 239 -13.44 3.58 -18.24
N PCA B 1 -1.96 -0.25 8.82
CA PCA B 1 -3.30 -0.83 8.48
CB PCA B 1 -3.51 -0.61 7.00
CG PCA B 1 -2.15 -0.44 6.40
CD PCA B 1 -1.25 0.03 7.52
OE PCA B 1 -0.08 0.33 7.29
C PCA B 1 -3.35 -2.31 8.80
O PCA B 1 -2.36 -3.01 8.71
N ASP B 2 -4.52 -2.80 9.20
CA ASP B 2 -4.65 -4.22 9.49
C ASP B 2 -4.92 -4.90 8.16
N SER B 3 -5.30 -4.09 7.17
CA SER B 3 -5.61 -4.61 5.87
C SER B 3 -4.96 -3.81 4.75
N LEU B 4 -4.39 -4.53 3.79
CA LEU B 4 -3.73 -3.93 2.65
C LEU B 4 -4.07 -4.78 1.43
N SER B 5 -4.39 -4.11 0.33
CA SER B 5 -4.70 -4.79 -0.91
C SER B 5 -4.18 -3.93 -2.05
N PHE B 6 -3.80 -4.55 -3.15
CA PHE B 6 -3.32 -3.83 -4.30
C PHE B 6 -3.16 -4.82 -5.42
N GLY B 7 -3.45 -4.37 -6.64
CA GLY B 7 -3.32 -5.27 -7.76
C GLY B 7 -2.72 -4.62 -8.97
N PHE B 8 -1.87 -5.36 -9.65
CA PHE B 8 -1.25 -4.88 -10.87
C PHE B 8 -1.65 -5.83 -11.99
N PRO B 9 -2.66 -5.46 -12.79
CA PRO B 9 -2.98 -6.41 -13.86
C PRO B 9 -1.75 -6.43 -14.78
N THR B 10 -1.08 -5.28 -14.90
CA THR B 10 0.13 -5.16 -15.70
C THR B 10 1.11 -4.23 -14.98
N PHE B 11 2.28 -4.04 -15.58
CA PHE B 11 3.31 -3.19 -15.00
C PHE B 11 3.82 -2.08 -15.90
N PRO B 12 2.99 -1.05 -16.13
CA PRO B 12 3.40 0.07 -16.98
C PRO B 12 4.67 0.69 -16.40
N SER B 13 5.47 1.31 -17.25
CA SER B 13 6.75 1.90 -16.82
C SER B 13 6.72 3.01 -15.78
N ASP B 14 5.55 3.58 -15.53
CA ASP B 14 5.45 4.65 -14.55
C ASP B 14 4.99 4.16 -13.17
N GLN B 15 5.81 3.35 -12.52
CA GLN B 15 5.47 2.81 -11.20
C GLN B 15 5.91 3.70 -10.06
N LYS B 16 5.23 3.59 -8.94
CA LYS B 16 5.52 4.41 -7.76
C LYS B 16 5.69 3.57 -6.52
N ASN B 17 4.87 2.54 -6.38
CA ASN B 17 4.92 1.73 -5.18
C ASN B 17 5.79 0.50 -5.18
N LEU B 18 6.68 0.40 -6.16
CA LEU B 18 7.56 -0.75 -6.21
C LEU B 18 8.98 -0.35 -5.88
N ILE B 19 9.61 -1.12 -5.00
CA ILE B 19 10.99 -0.87 -4.65
C ILE B 19 11.82 -1.82 -5.53
N PHE B 20 12.45 -1.25 -6.55
CA PHE B 20 13.28 -2.00 -7.48
C PHE B 20 14.67 -2.19 -6.88
N GLN B 21 15.14 -3.44 -6.88
CA GLN B 21 16.46 -3.78 -6.35
C GLN B 21 17.26 -4.53 -7.41
N GLY B 22 18.58 -4.32 -7.42
CA GLY B 22 19.42 -4.98 -8.40
C GLY B 22 19.14 -4.49 -9.80
N ASP B 23 18.99 -5.42 -10.74
CA ASP B 23 18.75 -5.06 -12.13
C ASP B 23 17.27 -5.00 -12.48
N ALA B 24 16.42 -5.25 -11.49
CA ALA B 24 14.98 -5.22 -11.70
C ALA B 24 14.49 -3.88 -12.27
N GLN B 25 13.64 -3.96 -13.29
CA GLN B 25 13.08 -2.75 -13.89
C GLN B 25 11.90 -3.11 -14.78
N ILE B 26 11.24 -2.08 -15.29
CA ILE B 26 10.07 -2.27 -16.14
C ILE B 26 10.35 -2.17 -17.63
N LYS B 27 9.88 -3.18 -18.34
CA LYS B 27 10.03 -3.26 -19.78
C LYS B 27 8.82 -3.95 -20.39
N ASN B 28 8.19 -3.27 -21.33
CA ASN B 28 7.02 -3.81 -22.03
C ASN B 28 5.90 -4.18 -21.08
N ASN B 29 5.55 -3.24 -20.22
CA ASN B 29 4.47 -3.42 -19.27
C ASN B 29 4.61 -4.64 -18.36
N ALA B 30 5.85 -4.98 -18.02
CA ALA B 30 6.10 -6.11 -17.14
C ALA B 30 7.38 -5.85 -16.38
N VAL B 31 7.56 -6.56 -15.27
CA VAL B 31 8.75 -6.40 -14.47
C VAL B 31 9.81 -7.41 -14.87
N GLN B 32 10.94 -6.91 -15.36
CA GLN B 32 12.04 -7.78 -15.71
C GLN B 32 12.92 -7.78 -14.46
N LEU B 33 12.89 -8.88 -13.70
CA LEU B 33 13.69 -8.98 -12.50
C LEU B 33 15.16 -9.09 -12.87
N THR B 34 15.44 -9.95 -13.84
CA THR B 34 16.79 -10.13 -14.32
C THR B 34 17.02 -9.24 -15.51
N LYS B 35 18.26 -8.76 -15.67
CA LYS B 35 18.61 -7.88 -16.77
C LYS B 35 18.36 -8.52 -18.13
N THR B 36 17.94 -7.70 -19.08
CA THR B 36 17.70 -8.14 -20.45
C THR B 36 18.33 -7.08 -21.34
N ASP B 37 18.75 -7.44 -22.55
CA ASP B 37 19.37 -6.47 -23.45
C ASP B 37 18.36 -5.73 -24.32
N SER B 38 18.87 -4.94 -25.25
CA SER B 38 18.03 -4.16 -26.16
C SER B 38 17.01 -4.99 -26.93
N ASN B 39 17.27 -6.29 -27.06
CA ASN B 39 16.38 -7.15 -27.80
C ASN B 39 15.40 -7.91 -26.93
N GLY B 40 15.41 -7.62 -25.63
CA GLY B 40 14.51 -8.29 -24.70
C GLY B 40 15.09 -9.60 -24.21
N ASN B 41 16.25 -9.98 -24.75
CA ASN B 41 16.91 -11.23 -24.36
C ASN B 41 17.61 -11.14 -23.01
N PRO B 42 17.66 -12.26 -22.29
CA PRO B 42 18.32 -12.31 -20.97
C PRO B 42 19.84 -12.36 -21.11
N VAL B 43 20.54 -11.92 -20.07
CA VAL B 43 22.00 -11.96 -20.05
C VAL B 43 22.42 -12.54 -18.72
N ALA B 44 23.55 -13.23 -18.71
CA ALA B 44 24.06 -13.87 -17.49
C ALA B 44 24.50 -12.90 -16.39
N SER B 45 24.80 -13.46 -15.22
CA SER B 45 25.27 -12.71 -14.06
C SER B 45 24.37 -11.54 -13.72
N THR B 46 23.12 -11.84 -13.33
CA THR B 46 22.17 -10.79 -13.00
C THR B 46 21.21 -11.18 -11.88
N VAL B 47 20.84 -10.18 -11.09
CA VAL B 47 19.93 -10.36 -9.96
C VAL B 47 19.05 -9.13 -9.84
N GLY B 48 17.76 -9.33 -9.62
CA GLY B 48 16.86 -8.22 -9.49
C GLY B 48 15.72 -8.55 -8.54
N ARG B 49 15.22 -7.55 -7.85
CA ARG B 49 14.12 -7.81 -6.93
C ARG B 49 13.19 -6.61 -6.85
N ILE B 50 11.93 -6.88 -6.52
CA ILE B 50 10.98 -5.81 -6.32
C ILE B 50 10.25 -6.07 -5.00
N LEU B 51 9.84 -4.99 -4.35
CA LEU B 51 9.11 -5.07 -3.11
C LEU B 51 8.01 -4.03 -3.20
N PHE B 52 6.85 -4.30 -2.64
CA PHE B 52 5.82 -3.28 -2.66
C PHE B 52 6.32 -2.29 -1.59
N SER B 53 6.14 -1.00 -1.82
CA SER B 53 6.64 -0.02 -0.86
C SER B 53 6.01 -0.07 0.53
N ALA B 54 4.70 -0.29 0.61
CA ALA B 54 4.06 -0.34 1.92
C ALA B 54 4.40 -1.65 2.59
N GLN B 55 4.63 -1.59 3.89
CA GLN B 55 4.93 -2.77 4.68
C GLN B 55 3.60 -3.40 5.01
N VAL B 56 3.61 -4.71 5.19
CA VAL B 56 2.40 -5.45 5.52
C VAL B 56 2.46 -5.83 6.98
N HIS B 57 1.35 -5.67 7.70
CA HIS B 57 1.34 -6.06 9.10
C HIS B 57 0.94 -7.54 9.10
N LEU B 58 1.95 -8.40 9.01
CA LEU B 58 1.81 -9.86 8.94
C LEU B 58 1.13 -10.49 10.16
N TRP B 59 1.52 -10.04 11.34
CA TRP B 59 0.93 -10.53 12.57
C TRP B 59 1.17 -9.49 13.66
N GLU B 60 0.39 -9.58 14.73
CA GLU B 60 0.50 -8.62 15.83
C GLU B 60 0.30 -9.33 17.17
N LYS B 61 1.33 -9.30 18.01
CA LYS B 61 1.27 -9.97 19.30
C LYS B 61 0.21 -9.40 20.26
N SER B 62 0.21 -8.08 20.42
CA SER B 62 -0.73 -7.41 21.31
C SER B 62 -2.18 -7.82 21.13
N SER B 63 -2.57 -8.15 19.89
CA SER B 63 -3.94 -8.56 19.65
C SER B 63 -3.98 -10.05 19.38
N SER B 64 -2.82 -10.68 19.43
CA SER B 64 -2.72 -12.10 19.18
C SER B 64 -3.41 -12.40 17.85
N ARG B 65 -3.04 -11.62 16.84
CA ARG B 65 -3.60 -11.79 15.51
C ARG B 65 -2.54 -12.12 14.47
N VAL B 66 -2.94 -12.83 13.44
CA VAL B 66 -2.05 -13.21 12.35
C VAL B 66 -2.80 -12.91 11.07
N ALA B 67 -2.10 -12.35 10.10
CA ALA B 67 -2.69 -11.98 8.83
C ALA B 67 -3.04 -13.15 7.93
N ASN B 68 -4.20 -13.05 7.29
CA ASN B 68 -4.62 -14.04 6.31
C ASN B 68 -4.21 -13.32 5.04
N PHE B 69 -3.31 -13.90 4.27
CA PHE B 69 -2.91 -13.20 3.07
C PHE B 69 -2.88 -14.07 1.82
N GLN B 70 -3.07 -13.42 0.68
CA GLN B 70 -3.06 -14.10 -0.59
C GLN B 70 -2.23 -13.28 -1.54
N SER B 71 -1.49 -13.97 -2.40
CA SER B 71 -0.64 -13.32 -3.36
C SER B 71 -0.79 -14.06 -4.67
N GLN B 72 -1.36 -13.38 -5.66
CA GLN B 72 -1.54 -13.96 -6.97
C GLN B 72 -0.62 -13.22 -7.94
N PHE B 73 0.06 -13.96 -8.80
CA PHE B 73 0.97 -13.35 -9.76
C PHE B 73 1.24 -14.24 -10.97
N SER B 74 1.85 -13.65 -11.99
CA SER B 74 2.17 -14.39 -13.20
C SER B 74 3.57 -14.03 -13.65
N PHE B 75 4.28 -15.05 -14.12
CA PHE B 75 5.61 -14.84 -14.63
C PHE B 75 5.88 -15.81 -15.77
N SER B 76 6.88 -15.48 -16.57
CA SER B 76 7.25 -16.35 -17.66
C SER B 76 8.77 -16.23 -17.73
N LEU B 77 9.42 -17.34 -18.00
CA LEU B 77 10.87 -17.38 -18.10
C LEU B 77 11.19 -17.68 -19.56
N LYS B 78 12.07 -16.88 -20.16
CA LYS B 78 12.43 -17.07 -21.55
C LYS B 78 13.93 -17.03 -21.77
N SER B 79 14.44 -17.99 -22.54
CA SER B 79 15.86 -18.04 -22.80
C SER B 79 16.20 -18.59 -24.18
N PRO B 80 17.17 -17.97 -24.85
CA PRO B 80 17.59 -18.42 -26.18
C PRO B 80 18.23 -19.79 -26.01
N LEU B 81 18.75 -20.04 -24.80
CA LEU B 81 19.38 -21.30 -24.46
C LEU B 81 18.30 -22.30 -24.07
N SER B 82 18.71 -23.43 -23.49
CA SER B 82 17.76 -24.46 -23.10
C SER B 82 17.87 -24.78 -21.61
N ASN B 83 18.95 -24.28 -21.01
CA ASN B 83 19.18 -24.48 -19.58
C ASN B 83 18.94 -23.15 -18.89
N GLY B 84 17.80 -22.54 -19.18
CA GLY B 84 17.47 -21.27 -18.55
C GLY B 84 17.57 -21.39 -17.04
N ALA B 85 18.16 -20.38 -16.40
CA ALA B 85 18.33 -20.38 -14.95
C ALA B 85 18.35 -18.96 -14.42
N ASP B 86 18.23 -18.76 -13.10
CA ASP B 86 18.10 -19.84 -12.12
C ASP B 86 16.70 -20.02 -11.58
N GLY B 87 15.96 -18.92 -11.50
CA GLY B 87 14.60 -19.01 -10.99
C GLY B 87 14.06 -17.70 -10.45
N ILE B 88 12.74 -17.72 -10.23
CA ILE B 88 12.05 -16.55 -9.71
C ILE B 88 11.42 -16.94 -8.39
N ALA B 89 11.22 -15.97 -7.51
CA ALA B 89 10.63 -16.28 -6.22
C ALA B 89 9.82 -15.16 -5.62
N PHE B 90 8.74 -15.54 -4.97
CA PHE B 90 7.89 -14.61 -4.26
C PHE B 90 8.42 -14.76 -2.85
N PHE B 91 8.61 -13.66 -2.13
CA PHE B 91 9.09 -13.82 -0.79
C PHE B 91 8.51 -12.79 0.17
N ILE B 92 8.70 -13.04 1.46
CA ILE B 92 8.23 -12.17 2.51
C ILE B 92 9.41 -12.04 3.45
N ALA B 93 9.81 -10.80 3.74
CA ALA B 93 10.99 -10.59 4.59
C ALA B 93 10.88 -9.29 5.36
N PRO B 94 11.85 -9.04 6.28
CA PRO B 94 11.83 -7.80 7.05
C PRO B 94 11.74 -6.64 6.06
N PRO B 95 11.16 -5.51 6.48
CA PRO B 95 11.01 -4.32 5.63
C PRO B 95 12.28 -3.80 4.95
N ASP B 96 13.39 -3.81 5.69
CA ASP B 96 14.67 -3.33 5.18
C ASP B 96 15.44 -4.34 4.33
N THR B 97 14.79 -5.43 3.96
CA THR B 97 15.43 -6.46 3.15
C THR B 97 16.15 -5.94 1.90
N THR B 98 17.33 -6.47 1.66
CA THR B 98 18.13 -6.09 0.50
C THR B 98 18.84 -7.29 -0.04
N ILE B 99 19.26 -7.21 -1.30
CA ILE B 99 19.96 -8.32 -1.92
C ILE B 99 21.24 -8.65 -1.15
N PRO B 100 21.35 -9.91 -0.68
CA PRO B 100 22.54 -10.33 0.06
C PRO B 100 23.73 -10.37 -0.91
N SER B 101 24.82 -9.71 -0.56
CA SER B 101 26.00 -9.70 -1.41
C SER B 101 26.37 -11.13 -1.80
N GLY B 102 26.51 -11.36 -3.10
CA GLY B 102 26.85 -12.69 -3.59
C GLY B 102 25.69 -13.66 -3.64
N SER B 103 24.46 -13.15 -3.62
CA SER B 103 23.29 -14.02 -3.65
C SER B 103 22.85 -14.33 -5.07
N GLY B 104 23.78 -14.28 -6.01
CA GLY B 104 23.44 -14.56 -7.39
C GLY B 104 23.21 -16.03 -7.69
N GLY B 105 23.01 -16.35 -8.97
CA GLY B 105 22.79 -17.73 -9.37
C GLY B 105 21.72 -18.44 -8.58
N GLY B 106 21.98 -19.69 -8.22
CA GLY B 106 21.01 -20.48 -7.49
C GLY B 106 20.52 -19.90 -6.17
N LEU B 107 21.15 -18.84 -5.70
CA LEU B 107 20.73 -18.21 -4.45
C LEU B 107 19.58 -17.23 -4.70
N LEU B 108 19.20 -17.11 -5.97
CA LEU B 108 18.08 -16.27 -6.38
C LEU B 108 18.03 -14.83 -5.90
N GLY B 109 19.13 -14.35 -5.34
CA GLY B 109 19.16 -12.98 -4.84
C GLY B 109 18.45 -12.94 -3.50
N LEU B 110 18.14 -14.11 -2.97
CA LEU B 110 17.45 -14.19 -1.68
C LEU B 110 18.33 -14.60 -0.51
N PHE B 111 19.26 -15.53 -0.75
CA PHE B 111 20.11 -16.02 0.31
C PHE B 111 21.57 -15.72 0.08
N ALA B 112 22.29 -15.59 1.18
CA ALA B 112 23.73 -15.31 1.12
C ALA B 112 24.49 -16.62 1.02
N PRO B 113 25.60 -16.63 0.27
CA PRO B 113 26.42 -17.83 0.10
C PRO B 113 27.01 -18.28 1.44
N GLY B 114 27.58 -19.47 1.46
CA GLY B 114 28.17 -20.00 2.67
C GLY B 114 27.28 -19.88 3.89
CA ASN B 122 17.82 -14.85 7.40
C ASN B 122 16.35 -15.15 7.69
N GLN B 123 15.57 -14.11 7.99
CA GLN B 123 14.15 -14.28 8.28
C GLN B 123 13.39 -14.13 6.98
N VAL B 124 12.65 -15.15 6.59
CA VAL B 124 11.93 -15.09 5.34
C VAL B 124 11.09 -16.31 5.03
N ILE B 125 10.04 -16.08 4.26
CA ILE B 125 9.20 -17.15 3.76
C ILE B 125 9.28 -16.87 2.28
N ALA B 126 9.43 -17.92 1.48
CA ALA B 126 9.52 -17.72 0.06
C ALA B 126 8.99 -18.92 -0.66
N VAL B 127 8.59 -18.70 -1.90
CA VAL B 127 8.11 -19.77 -2.75
C VAL B 127 8.92 -19.57 -4.02
N GLU B 128 9.99 -20.36 -4.16
CA GLU B 128 10.85 -20.26 -5.33
C GLU B 128 10.52 -21.23 -6.45
N PHE B 129 10.64 -20.74 -7.69
CA PHE B 129 10.38 -21.55 -8.87
C PHE B 129 11.73 -21.71 -9.54
N ASP B 130 12.39 -22.81 -9.24
CA ASP B 130 13.71 -23.07 -9.77
C ASP B 130 13.76 -23.87 -11.05
N THR B 131 14.73 -23.52 -11.89
CA THR B 131 14.94 -24.19 -13.17
C THR B 131 16.39 -24.67 -13.26
N PHE B 132 17.20 -24.31 -12.26
CA PHE B 132 18.60 -24.71 -12.23
C PHE B 132 18.82 -26.10 -11.66
N TYR B 133 19.98 -26.67 -11.95
CA TYR B 133 20.31 -28.00 -11.46
C TYR B 133 21.24 -27.91 -10.25
N ALA B 134 20.98 -28.76 -9.27
CA ALA B 134 21.79 -28.81 -8.05
C ALA B 134 22.25 -30.25 -7.85
N GLN B 135 23.56 -30.45 -7.83
CA GLN B 135 24.14 -31.78 -7.65
C GLN B 135 23.89 -32.32 -6.25
N ASP B 136 23.71 -31.44 -5.28
CA ASP B 136 23.48 -31.84 -3.90
C ASP B 136 22.02 -31.72 -3.48
N SER B 137 21.11 -31.70 -4.45
CA SER B 137 19.68 -31.59 -4.16
C SER B 137 19.24 -32.66 -3.18
N ASN B 138 18.54 -32.24 -2.11
CA ASN B 138 18.07 -33.18 -1.10
C ASN B 138 16.57 -33.13 -0.87
N THR B 139 15.90 -32.11 -1.40
CA THR B 139 14.46 -31.97 -1.24
C THR B 139 13.68 -32.12 -2.54
N TRP B 140 14.41 -32.17 -3.65
CA TRP B 140 13.78 -32.27 -4.96
C TRP B 140 14.66 -33.07 -5.92
N ASP B 141 14.10 -33.43 -7.07
CA ASP B 141 14.81 -34.16 -8.11
C ASP B 141 15.61 -33.12 -8.90
N PRO B 142 16.94 -33.09 -8.74
CA PRO B 142 17.85 -32.16 -9.42
C PRO B 142 17.76 -32.16 -10.94
N ASN B 143 17.39 -33.31 -11.50
CA ASN B 143 17.27 -33.46 -12.95
C ASN B 143 16.11 -32.65 -13.52
N TYR B 144 15.23 -32.17 -12.64
CA TYR B 144 14.08 -31.39 -13.07
C TYR B 144 13.82 -30.18 -12.19
N PRO B 145 13.28 -29.10 -12.76
CA PRO B 145 12.97 -27.89 -11.99
C PRO B 145 12.01 -28.19 -10.84
N HIS B 146 11.89 -27.27 -9.88
CA HIS B 146 11.00 -27.51 -8.76
C HIS B 146 10.48 -26.24 -8.11
N ILE B 147 9.27 -26.34 -7.56
CA ILE B 147 8.67 -25.22 -6.85
C ILE B 147 9.00 -25.55 -5.40
N GLY B 148 9.68 -24.65 -4.72
CA GLY B 148 10.04 -24.91 -3.34
C GLY B 148 9.58 -23.84 -2.37
N ILE B 149 9.19 -24.26 -1.18
CA ILE B 149 8.77 -23.34 -0.14
C ILE B 149 9.97 -23.18 0.79
N ASP B 150 10.31 -21.94 1.11
CA ASP B 150 11.44 -21.64 1.97
C ASP B 150 10.95 -20.98 3.25
N VAL B 151 11.52 -21.41 4.37
CA VAL B 151 11.19 -20.85 5.66
C VAL B 151 12.51 -20.55 6.31
N ASN B 152 12.79 -19.27 6.52
CA ASN B 152 14.04 -18.84 7.12
C ASN B 152 15.23 -19.47 6.42
N SER B 153 16.10 -20.12 7.19
CA SER B 153 17.29 -20.74 6.62
C SER B 153 17.05 -22.07 5.91
N ILE B 154 15.84 -22.59 5.97
CA ILE B 154 15.56 -23.87 5.34
C ILE B 154 14.97 -23.70 3.95
N ARG B 155 15.77 -23.95 2.92
CA ARG B 155 15.27 -23.84 1.56
C ARG B 155 14.58 -25.12 1.13
N SER B 156 13.42 -24.97 0.51
CA SER B 156 12.68 -26.11 0.02
C SER B 156 12.33 -27.09 1.14
N VAL B 157 11.72 -26.60 2.22
CA VAL B 157 11.32 -27.46 3.32
C VAL B 157 10.29 -28.43 2.75
N LYS B 158 9.74 -28.03 1.61
CA LYS B 158 8.73 -28.81 0.93
C LYS B 158 8.84 -28.39 -0.53
N THR B 159 8.64 -29.33 -1.45
CA THR B 159 8.74 -28.99 -2.87
C THR B 159 7.84 -29.89 -3.69
N VAL B 160 7.63 -29.50 -4.94
CA VAL B 160 6.82 -30.26 -5.86
C VAL B 160 7.52 -30.14 -7.20
N LYS B 161 7.63 -31.25 -7.93
CA LYS B 161 8.28 -31.22 -9.22
C LYS B 161 7.50 -30.23 -10.06
N TRP B 162 8.20 -29.55 -10.95
CA TRP B 162 7.58 -28.55 -11.81
C TRP B 162 8.26 -28.61 -13.18
N ASP B 163 7.59 -28.10 -14.21
CA ASP B 163 8.13 -28.10 -15.57
C ASP B 163 8.36 -26.70 -16.11
N ARG B 164 9.52 -26.50 -16.73
CA ARG B 164 9.84 -25.21 -17.29
C ARG B 164 9.34 -25.17 -18.72
N ARG B 165 8.50 -24.19 -19.02
CA ARG B 165 7.95 -24.03 -20.36
C ARG B 165 8.36 -22.65 -20.84
N ASP B 166 9.37 -22.61 -21.69
CA ASP B 166 9.89 -21.34 -22.19
C ASP B 166 8.78 -20.44 -22.71
N GLY B 167 8.88 -19.16 -22.37
CA GLY B 167 7.91 -18.18 -22.82
C GLY B 167 6.49 -18.32 -22.31
N GLN B 168 6.18 -19.41 -21.63
CA GLN B 168 4.82 -19.60 -21.13
C GLN B 168 4.59 -19.08 -19.73
N SER B 169 3.50 -18.35 -19.55
CA SER B 169 3.16 -17.78 -18.26
C SER B 169 2.65 -18.81 -17.25
N LEU B 170 3.15 -18.70 -16.03
CA LEU B 170 2.72 -19.59 -14.97
C LEU B 170 1.87 -18.75 -14.03
N ASN B 171 0.59 -19.07 -13.90
CA ASN B 171 -0.26 -18.31 -12.98
C ASN B 171 -0.12 -18.95 -11.62
N VAL B 172 0.26 -18.16 -10.62
CA VAL B 172 0.46 -18.69 -9.28
C VAL B 172 -0.36 -17.99 -8.21
N LEU B 173 -0.89 -18.77 -7.28
CA LEU B 173 -1.68 -18.24 -6.18
C LEU B 173 -1.08 -18.76 -4.88
N VAL B 174 -0.55 -17.85 -4.07
CA VAL B 174 0.04 -18.19 -2.78
C VAL B 174 -0.93 -17.72 -1.70
N THR B 175 -1.41 -18.62 -0.85
CA THR B 175 -2.33 -18.21 0.22
C THR B 175 -1.88 -18.75 1.57
N PHE B 176 -2.15 -17.99 2.62
CA PHE B 176 -1.79 -18.40 3.97
C PHE B 176 -3.01 -18.21 4.87
N ASN B 177 -3.42 -19.27 5.56
CA ASN B 177 -4.57 -19.21 6.46
C ASN B 177 -4.02 -19.29 7.87
N PRO B 178 -4.06 -18.19 8.64
CA PRO B 178 -3.54 -18.19 10.01
C PRO B 178 -4.20 -19.23 10.93
N SER B 179 -5.41 -19.63 10.61
CA SER B 179 -6.12 -20.62 11.40
C SER B 179 -5.46 -21.98 11.29
N THR B 180 -5.10 -22.37 10.07
CA THR B 180 -4.46 -23.66 9.81
C THR B 180 -2.97 -23.48 9.64
N ARG B 181 -2.55 -22.24 9.42
CA ARG B 181 -1.16 -21.91 9.19
C ARG B 181 -0.68 -22.58 7.91
N ASN B 182 -1.61 -22.96 7.05
CA ASN B 182 -1.26 -23.59 5.79
C ASN B 182 -0.84 -22.57 4.74
N LEU B 183 0.36 -22.75 4.20
CA LEU B 183 0.83 -21.89 3.14
C LEU B 183 0.60 -22.73 1.89
N ASP B 184 -0.43 -22.39 1.12
CA ASP B 184 -0.72 -23.14 -0.09
C ASP B 184 -0.25 -22.41 -1.32
N VAL B 185 0.35 -23.16 -2.23
CA VAL B 185 0.81 -22.62 -3.49
C VAL B 185 0.15 -23.47 -4.57
N VAL B 186 -0.49 -22.80 -5.52
CA VAL B 186 -1.14 -23.47 -6.63
C VAL B 186 -0.73 -22.73 -7.88
N ALA B 187 -0.02 -23.41 -8.75
CA ALA B 187 0.45 -22.83 -9.99
C ALA B 187 -0.17 -23.57 -11.16
N THR B 188 -0.49 -22.84 -12.22
CA THR B 188 -1.07 -23.45 -13.40
C THR B 188 -0.64 -22.70 -14.65
N TYR B 189 -0.35 -23.45 -15.71
CA TYR B 189 0.00 -22.84 -16.99
C TYR B 189 -1.33 -22.59 -17.66
N SER B 190 -1.30 -21.91 -18.81
CA SER B 190 -2.53 -21.59 -19.53
C SER B 190 -3.33 -22.80 -20.04
N ASP B 191 -2.68 -23.95 -20.13
CA ASP B 191 -3.33 -25.15 -20.63
C ASP B 191 -3.95 -25.95 -19.49
N GLY B 192 -3.83 -25.44 -18.27
CA GLY B 192 -4.39 -26.13 -17.14
C GLY B 192 -3.41 -26.91 -16.28
N THR B 193 -2.23 -27.22 -16.82
CA THR B 193 -1.22 -27.97 -16.06
C THR B 193 -1.05 -27.31 -14.70
N ARG B 194 -1.43 -28.05 -13.67
CA ARG B 194 -1.40 -27.54 -12.30
C ARG B 194 -0.36 -28.17 -11.39
N TYR B 195 0.27 -27.34 -10.58
CA TYR B 195 1.28 -27.78 -9.62
C TYR B 195 0.86 -27.23 -8.28
N GLU B 196 0.96 -28.02 -7.22
CA GLU B 196 0.59 -27.50 -5.92
C GLU B 196 1.44 -28.11 -4.82
N VAL B 197 1.80 -27.24 -3.87
CA VAL B 197 2.61 -27.63 -2.74
C VAL B 197 2.18 -26.77 -1.57
N SER B 198 1.99 -27.38 -0.40
CA SER B 198 1.56 -26.63 0.77
C SER B 198 2.31 -27.10 2.00
N TYR B 199 2.57 -26.15 2.90
CA TYR B 199 3.30 -26.45 4.10
C TYR B 199 2.75 -25.64 5.27
N GLU B 200 2.69 -26.26 6.43
CA GLU B 200 2.19 -25.59 7.62
C GLU B 200 3.31 -24.70 8.14
N VAL B 201 3.00 -23.44 8.40
CA VAL B 201 4.02 -22.54 8.91
C VAL B 201 3.42 -21.42 9.74
N ASP B 202 3.93 -21.30 10.96
CA ASP B 202 3.48 -20.25 11.87
C ASP B 202 4.40 -19.08 11.55
N VAL B 203 3.88 -18.12 10.79
CA VAL B 203 4.67 -16.97 10.39
C VAL B 203 5.27 -16.21 11.56
N ARG B 204 4.64 -16.31 12.72
CA ARG B 204 5.12 -15.62 13.91
C ARG B 204 6.51 -16.09 14.34
N SER B 205 6.86 -17.31 13.98
CA SER B 205 8.14 -17.87 14.37
C SER B 205 9.27 -17.60 13.40
N VAL B 206 8.97 -16.99 12.25
CA VAL B 206 10.02 -16.73 11.27
C VAL B 206 10.08 -15.32 10.72
N LEU B 207 9.03 -14.52 10.96
CA LEU B 207 9.02 -13.16 10.44
C LEU B 207 8.56 -12.14 11.47
N PRO B 208 9.15 -10.94 11.45
CA PRO B 208 8.77 -9.89 12.40
C PRO B 208 7.33 -9.46 12.09
N GLU B 209 6.69 -8.74 13.01
CA GLU B 209 5.32 -8.30 12.82
C GLU B 209 5.08 -7.54 11.51
N TRP B 210 6.04 -6.73 11.11
CA TRP B 210 5.92 -5.98 9.87
C TRP B 210 6.92 -6.49 8.85
N VAL B 211 6.44 -6.71 7.64
CA VAL B 211 7.28 -7.24 6.59
C VAL B 211 7.01 -6.56 5.23
N ARG B 212 7.79 -6.98 4.25
CA ARG B 212 7.60 -6.49 2.90
C ARG B 212 7.47 -7.72 2.02
N VAL B 213 6.61 -7.62 1.02
CA VAL B 213 6.39 -8.73 0.11
C VAL B 213 6.92 -8.32 -1.26
N GLY B 214 7.34 -9.31 -2.06
CA GLY B 214 7.86 -9.01 -3.37
C GLY B 214 8.43 -10.21 -4.11
N PHE B 215 9.24 -9.96 -5.13
CA PHE B 215 9.82 -11.05 -5.88
C PHE B 215 11.31 -10.87 -6.08
N SER B 216 11.98 -11.99 -6.30
CA SER B 216 13.42 -11.98 -6.50
C SER B 216 13.79 -13.02 -7.54
N ALA B 217 14.84 -12.73 -8.31
CA ALA B 217 15.30 -13.65 -9.33
C ALA B 217 16.76 -13.36 -9.68
N ALA B 218 17.45 -14.36 -10.20
CA ALA B 218 18.85 -14.19 -10.57
C ALA B 218 19.24 -15.21 -11.65
N SER B 219 20.36 -14.94 -12.30
CA SER B 219 20.92 -15.82 -13.32
C SER B 219 22.43 -15.75 -13.26
N GLY B 220 23.07 -16.90 -13.10
CA GLY B 220 24.52 -16.96 -13.04
C GLY B 220 25.06 -17.16 -14.44
N GLU B 221 25.83 -18.23 -14.65
CA GLU B 221 26.39 -18.51 -15.98
C GLU B 221 25.26 -18.87 -16.94
N GLN B 222 24.27 -19.62 -16.45
CA GLN B 222 23.11 -19.97 -17.28
C GLN B 222 22.10 -18.87 -16.97
N TYR B 223 21.27 -18.55 -17.96
CA TYR B 223 20.31 -17.47 -17.80
C TYR B 223 18.98 -17.62 -18.51
N GLN B 224 18.06 -16.74 -18.15
CA GLN B 224 16.72 -16.73 -18.71
C GLN B 224 16.06 -15.50 -18.13
N THR B 225 14.96 -15.06 -18.72
CA THR B 225 14.28 -13.89 -18.21
C THR B 225 13.33 -14.34 -17.10
N HIS B 226 13.10 -13.44 -16.15
CA HIS B 226 12.19 -13.71 -15.06
C HIS B 226 11.24 -12.53 -15.11
N THR B 227 10.27 -12.65 -15.99
CA THR B 227 9.29 -11.62 -16.24
C THR B 227 8.05 -11.71 -15.35
N LEU B 228 7.89 -10.73 -14.47
CA LEU B 228 6.70 -10.68 -13.61
C LEU B 228 5.67 -9.92 -14.45
N GLU B 229 4.59 -10.60 -14.82
CA GLU B 229 3.57 -10.01 -15.67
C GLU B 229 2.40 -9.36 -14.95
N SER B 230 2.07 -9.86 -13.77
CA SER B 230 0.97 -9.31 -13.01
C SER B 230 1.14 -9.73 -11.57
N TRP B 231 0.42 -9.06 -10.66
CA TRP B 231 0.50 -9.37 -9.25
C TRP B 231 -0.59 -8.63 -8.49
N SER B 232 -1.31 -9.36 -7.64
CA SER B 232 -2.36 -8.75 -6.83
C SER B 232 -2.10 -9.34 -5.46
N PHE B 233 -2.28 -8.55 -4.41
CA PHE B 233 -2.00 -9.03 -3.06
C PHE B 233 -3.03 -8.56 -2.05
N THR B 234 -3.34 -9.39 -1.08
CA THR B 234 -4.30 -9.02 -0.04
C THR B 234 -3.88 -9.60 1.31
N SER B 235 -4.06 -8.83 2.38
CA SER B 235 -3.67 -9.26 3.71
C SER B 235 -4.60 -8.62 4.73
N THR B 236 -5.04 -9.40 5.70
CA THR B 236 -5.93 -8.90 6.74
C THR B 236 -5.65 -9.55 8.08
N LEU B 237 -5.49 -8.74 9.13
CA LEU B 237 -5.24 -9.24 10.47
C LEU B 237 -6.54 -9.70 11.13
N LEU B 238 -6.47 -10.84 11.83
CA LEU B 238 -7.64 -11.35 12.53
C LEU B 238 -7.25 -12.29 13.68
N TYR B 239 -8.06 -12.26 14.74
CA TYR B 239 -7.81 -13.08 15.94
C TYR B 239 -7.63 -14.56 15.66
N THR B 240 -6.75 -15.19 16.44
CA THR B 240 -6.44 -16.61 16.31
C1 MAN C . -5.62 32.36 14.36
C2 MAN C . -5.08 32.37 12.93
C3 MAN C . -6.21 32.33 11.90
C4 MAN C . -7.30 31.29 12.26
C5 MAN C . -7.63 31.24 13.77
C6 MAN C . -8.54 30.39 14.51
O1 MAN C . -6.40 33.48 14.57
O2 MAN C . -4.22 31.26 12.74
O3 MAN C . -5.68 31.94 10.62
O4 MAN C . -8.50 31.59 11.55
O5 MAN C . -6.42 31.20 14.56
O6 MAN C . -8.15 30.08 15.55
C1 NAG C . -3.28 31.70 11.25
C2 NAG C . -1.92 31.10 11.70
C3 NAG C . -0.73 31.74 10.98
C4 NAG C . -0.96 31.76 9.47
C5 NAG C . -2.26 32.51 9.20
C6 NAG C . -2.58 32.63 7.72
C7 NAG C . -1.14 30.36 13.87
C8 NAG C . -1.01 30.64 15.35
N2 NAG C . -1.75 31.27 13.14
O3 NAG C . 0.45 31.00 11.26
O4 NAG C . 0.12 32.42 8.82
O5 NAG C . -3.35 31.81 9.83
O6 NAG C . -3.96 32.87 7.51
O7 NAG C . -0.68 29.31 13.40
C1 MAN D . 26.79 -20.32 -11.66
C2 MAN D . 26.27 -19.87 -10.30
C3 MAN D . 25.09 -20.72 -9.83
C4 MAN D . 24.06 -20.99 -10.94
C5 MAN D . 24.69 -21.24 -12.32
C6 MAN D . 23.66 -21.10 -13.43
O1 MAN D . 27.25 -21.63 -11.58
O2 MAN D . 26.06 -18.53 -9.86
O3 MAN D . 24.40 -20.04 -8.76
O4 MAN D . 23.26 -22.09 -10.60
O5 MAN D . 25.72 -20.27 -12.61
O6 MAN D . 23.26 -19.75 -13.58
C1 NAG D . 26.41 -17.73 -8.39
C2 NAG D . 26.73 -16.39 -9.10
C3 NAG D . 27.70 -15.51 -8.28
C4 NAG D . 27.22 -15.38 -6.84
C5 NAG D . 27.09 -16.78 -6.25
C6 NAG D . 26.64 -16.77 -4.79
C7 NAG D . 27.09 -15.87 -11.43
C8 NAG D . 27.76 -16.24 -12.74
N2 NAG D . 27.32 -16.66 -10.39
O3 NAG D . 27.78 -14.23 -8.87
O4 NAG D . 28.16 -14.61 -6.08
O5 NAG D . 26.11 -17.53 -7.00
O6 NAG D . 26.06 -18.01 -4.43
O7 NAG D . 26.35 -14.88 -11.37
S SO4 E . -14.42 1.27 2.36
O1 SO4 E . -14.69 0.87 0.96
O2 SO4 E . -13.31 2.23 2.39
O3 SO4 E . -15.64 1.89 2.94
O4 SO4 E . -14.05 0.06 3.15
#